data_8V79
#
_entry.id   8V79
#
_cell.length_a   77.769
_cell.length_b   77.769
_cell.length_c   84.996
_cell.angle_alpha   90.00
_cell.angle_beta   90.00
_cell.angle_gamma   90.00
#
_symmetry.space_group_name_H-M   'P 42 21 2'
#
loop_
_entity.id
_entity.type
_entity.pdbx_description
1 polymer 'Inositol polyphosphate multikinase'
2 non-polymer (3P,5M)-3-[3-(1-cyclobutylpiperidin-4-yl)phenyl]-5-(1H-tetrazol-5-yl)-2,1-benzoxazole
3 water water
#
_entity_poly.entity_id   1
_entity_poly.type   'polypeptide(L)'
_entity_poly.pdbx_seq_one_letter_code
;GSFTSHQVAGHMYGKDKVGILQHPDGTVLKQLQPPPRGPRELEFYNMVYAADCFDGVLLELRKYLPKYYGIWSPPTAPND
LYLKLEDVTHKFNKPCIMDVKIGQKSYDPFASSEKIQQQVSKYPLMEEIGFLVLGMRVYHVHSDSYETENQHYGRSLTKE
TIKDGVSRFFHNGYCLRKDAVAASIQKIEKILQWFENQKQLNFYASSLLFVYEGSSQGGSGGEVEVRMIDFAHVFPSNTI
DEGYVYGLKHLISVLRSILDN
;
_entity_poly.pdbx_strand_id   A
#
loop_
_chem_comp.id
_chem_comp.type
_chem_comp.name
_chem_comp.formula
YJH non-polymer (3P,5M)-3-[3-(1-cyclobutylpiperidin-4-yl)phenyl]-5-(1H-tetrazol-5-yl)-2,1-benzoxazole 'C23 H24 N6 O'
#
# COMPACT_ATOMS: atom_id res chain seq x y z
N ILE A 20 -0.39 -13.09 3.87
CA ILE A 20 0.44 -13.20 2.63
C ILE A 20 1.32 -14.44 2.72
N LEU A 21 1.17 -15.33 1.72
CA LEU A 21 2.02 -16.49 1.57
C LEU A 21 2.95 -16.26 0.38
N GLN A 22 4.26 -16.39 0.63
CA GLN A 22 5.26 -16.07 -0.37
C GLN A 22 5.64 -17.35 -1.09
N HIS A 23 5.38 -17.41 -2.40
CA HIS A 23 5.64 -18.58 -3.20
C HIS A 23 6.98 -18.41 -3.91
N PRO A 24 7.89 -19.41 -3.89
CA PRO A 24 9.16 -19.35 -4.63
C PRO A 24 9.07 -18.94 -6.11
N ASP A 25 7.88 -19.08 -6.71
CA ASP A 25 7.70 -18.83 -8.14
C ASP A 25 7.52 -17.33 -8.40
N GLY A 26 7.64 -16.50 -7.36
CA GLY A 26 7.62 -15.05 -7.51
C GLY A 26 6.24 -14.44 -7.26
N THR A 27 5.33 -15.25 -6.68
CA THR A 27 4.00 -14.77 -6.37
C THR A 27 3.79 -14.78 -4.87
N VAL A 28 2.79 -14.00 -4.43
CA VAL A 28 2.16 -14.17 -3.13
C VAL A 28 0.76 -14.72 -3.35
N LEU A 29 0.30 -15.56 -2.41
CA LEU A 29 -1.09 -15.95 -2.31
C LEU A 29 -1.70 -15.17 -1.16
N LYS A 30 -2.75 -14.40 -1.46
CA LYS A 30 -3.50 -13.70 -0.42
C LYS A 30 -4.86 -14.38 -0.28
N GLN A 31 -5.12 -14.91 0.92
CA GLN A 31 -6.39 -15.53 1.22
C GLN A 31 -7.47 -14.45 1.25
N LEU A 32 -8.60 -14.72 0.59
CA LEU A 32 -9.73 -13.81 0.66
C LEU A 32 -10.10 -13.65 2.13
N GLN A 33 -10.23 -12.39 2.58
CA GLN A 33 -10.77 -12.05 3.87
C GLN A 33 -12.22 -12.53 3.95
N PRO A 34 -12.82 -12.61 5.16
CA PRO A 34 -14.23 -12.98 5.30
C PRO A 34 -15.13 -12.00 4.56
N PRO A 35 -16.35 -12.42 4.15
CA PRO A 35 -17.27 -11.54 3.44
C PRO A 35 -17.69 -10.38 4.32
N PRO A 36 -17.96 -9.17 3.76
CA PRO A 36 -17.90 -8.94 2.32
C PRO A 36 -16.54 -8.55 1.73
N ARG A 37 -15.51 -8.43 2.57
CA ARG A 37 -14.26 -7.79 2.17
C ARG A 37 -13.51 -8.63 1.13
N GLY A 38 -13.29 -9.92 1.41
CA GLY A 38 -12.57 -10.79 0.50
C GLY A 38 -13.21 -10.85 -0.88
N PRO A 39 -14.52 -11.10 -0.93
CA PRO A 39 -15.20 -11.09 -2.21
C PRO A 39 -15.07 -9.77 -2.97
N ARG A 40 -15.12 -8.66 -2.27
CA ARG A 40 -14.92 -7.32 -2.89
C ARG A 40 -13.51 -7.17 -3.55
N GLU A 41 -12.55 -7.70 -2.86
CA GLU A 41 -11.20 -7.60 -3.38
C GLU A 41 -11.05 -8.47 -4.62
N LEU A 42 -11.64 -9.68 -4.61
CA LEU A 42 -11.69 -10.52 -5.80
C LEU A 42 -12.35 -9.77 -6.96
N GLU A 43 -13.54 -9.22 -6.73
CA GLU A 43 -14.25 -8.51 -7.79
C GLU A 43 -13.42 -7.33 -8.29
N PHE A 44 -12.69 -6.64 -7.41
CA PHE A 44 -11.89 -5.51 -7.82
C PHE A 44 -10.84 -5.94 -8.85
N TYR A 45 -10.04 -6.95 -8.50
CA TYR A 45 -9.02 -7.45 -9.39
C TYR A 45 -9.65 -7.93 -10.70
N ASN A 46 -10.78 -8.65 -10.59
CA ASN A 46 -11.47 -9.19 -11.76
C ASN A 46 -11.88 -8.07 -12.71
N MET A 47 -12.44 -6.97 -12.16
CA MET A 47 -12.87 -5.83 -12.94
C MET A 47 -11.68 -5.19 -13.65
N VAL A 48 -10.58 -5.03 -12.92
CA VAL A 48 -9.42 -4.31 -13.41
C VAL A 48 -8.71 -5.11 -14.49
N TYR A 49 -8.53 -6.41 -14.23
CA TYR A 49 -7.78 -7.27 -15.14
C TYR A 49 -8.71 -8.04 -16.06
N ALA A 50 -9.98 -7.58 -16.16
CA ALA A 50 -10.89 -8.07 -17.17
C ALA A 50 -10.20 -8.04 -18.52
N ALA A 51 -10.17 -9.19 -19.21
CA ALA A 51 -9.39 -9.36 -20.42
C ALA A 51 -10.02 -8.62 -21.60
N ASP A 52 -11.27 -8.16 -21.44
CA ASP A 52 -11.97 -7.39 -22.45
C ASP A 52 -12.03 -5.91 -22.07
N CYS A 53 -11.34 -5.53 -21.00
CA CYS A 53 -11.40 -4.17 -20.48
C CYS A 53 -10.62 -3.22 -21.39
N PHE A 54 -11.33 -2.28 -22.01
CA PHE A 54 -10.71 -1.24 -22.83
C PHE A 54 -10.77 0.11 -22.11
N ASP A 55 -11.24 0.11 -20.86
CA ASP A 55 -11.27 1.32 -20.05
C ASP A 55 -9.84 1.76 -19.76
N GLY A 56 -9.46 2.92 -20.34
CA GLY A 56 -8.10 3.44 -20.26
C GLY A 56 -7.68 3.79 -18.84
N VAL A 57 -8.64 4.14 -17.98
CA VAL A 57 -8.36 4.40 -16.58
C VAL A 57 -7.94 3.09 -15.90
N LEU A 58 -8.64 1.99 -16.19
CA LEU A 58 -8.34 0.72 -15.56
C LEU A 58 -7.09 0.10 -16.18
N LEU A 59 -6.86 0.36 -17.47
CA LEU A 59 -5.66 -0.11 -18.14
C LEU A 59 -4.41 0.53 -17.52
N GLU A 60 -4.47 1.84 -17.24
CA GLU A 60 -3.33 2.53 -16.67
C GLU A 60 -3.13 2.08 -15.21
N LEU A 61 -4.22 1.75 -14.52
CA LEU A 61 -4.15 1.39 -13.11
C LEU A 61 -3.34 0.11 -12.91
N ARG A 62 -3.40 -0.81 -13.88
CA ARG A 62 -2.73 -2.09 -13.80
C ARG A 62 -1.23 -1.93 -13.49
N LYS A 63 -0.63 -0.86 -14.04
CA LYS A 63 0.78 -0.57 -13.84
C LYS A 63 1.14 -0.52 -12.36
N TYR A 64 0.18 -0.07 -11.54
CA TYR A 64 0.43 0.30 -10.15
C TYR A 64 -0.01 -0.77 -9.18
N LEU A 65 -0.65 -1.83 -9.69
CA LEU A 65 -1.12 -2.95 -8.89
C LEU A 65 -0.12 -4.10 -9.02
N PRO A 66 -0.12 -5.08 -8.09
CA PRO A 66 0.54 -6.36 -8.37
C PRO A 66 -0.11 -6.96 -9.62
N LYS A 67 0.70 -7.58 -10.49
CA LYS A 67 0.11 -8.38 -11.54
C LYS A 67 -0.81 -9.40 -10.90
N TYR A 68 -1.89 -9.73 -11.62
CA TYR A 68 -2.96 -10.57 -11.11
C TYR A 68 -3.03 -11.84 -11.95
N TYR A 69 -2.98 -13.00 -11.28
CA TYR A 69 -2.95 -14.27 -11.98
C TYR A 69 -4.27 -15.01 -11.79
N GLY A 70 -5.30 -14.28 -11.34
CA GLY A 70 -6.62 -14.85 -11.18
C GLY A 70 -6.83 -15.46 -9.80
N ILE A 71 -8.05 -15.92 -9.56
CA ILE A 71 -8.39 -16.62 -8.34
C ILE A 71 -7.65 -17.95 -8.33
N TRP A 72 -7.22 -18.38 -7.14
CA TRP A 72 -6.57 -19.67 -6.99
C TRP A 72 -7.12 -20.38 -5.76
N SER A 73 -7.34 -21.69 -5.89
CA SER A 73 -7.72 -22.52 -4.76
C SER A 73 -6.93 -23.83 -4.81
N PRO A 74 -6.58 -24.43 -3.64
CA PRO A 74 -5.87 -25.71 -3.63
C PRO A 74 -6.62 -26.77 -4.45
N PRO A 75 -5.89 -27.65 -5.18
CA PRO A 75 -6.53 -28.71 -5.98
C PRO A 75 -7.61 -29.51 -5.26
N THR A 76 -7.43 -29.74 -3.96
CA THR A 76 -8.30 -30.60 -3.16
C THR A 76 -9.18 -29.77 -2.22
N ALA A 77 -9.29 -28.45 -2.45
CA ALA A 77 -10.05 -27.59 -1.55
C ALA A 77 -10.60 -26.37 -2.30
N PRO A 78 -11.62 -26.56 -3.18
CA PRO A 78 -12.23 -25.45 -3.91
C PRO A 78 -12.85 -24.36 -3.02
N ASN A 79 -13.15 -24.72 -1.77
CA ASN A 79 -13.68 -23.80 -0.78
C ASN A 79 -12.68 -22.69 -0.43
N ASP A 80 -11.37 -22.97 -0.58
CA ASP A 80 -10.33 -22.17 0.03
C ASP A 80 -9.78 -21.18 -1.00
N LEU A 81 -10.27 -19.93 -0.95
CA LEU A 81 -10.08 -18.96 -2.01
C LEU A 81 -8.88 -18.06 -1.72
N TYR A 82 -8.01 -17.91 -2.73
CA TYR A 82 -6.90 -16.98 -2.68
C TYR A 82 -6.86 -16.14 -3.95
N LEU A 83 -6.20 -14.98 -3.84
CA LEU A 83 -5.72 -14.25 -5.00
C LEU A 83 -4.27 -14.64 -5.21
N LYS A 84 -3.92 -14.97 -6.47
CA LYS A 84 -2.54 -15.18 -6.85
C LYS A 84 -2.04 -13.87 -7.44
N LEU A 85 -1.11 -13.24 -6.70
CA LEU A 85 -0.62 -11.91 -7.01
C LEU A 85 0.90 -11.98 -7.19
N GLU A 86 1.42 -11.06 -8.03
CA GLU A 86 2.85 -10.79 -8.10
C GLU A 86 3.41 -10.50 -6.72
N ASP A 87 4.57 -11.12 -6.41
CA ASP A 87 5.33 -10.71 -5.25
C ASP A 87 6.21 -9.54 -5.69
N VAL A 88 5.84 -8.36 -5.18
CA VAL A 88 6.46 -7.10 -5.58
C VAL A 88 7.90 -7.03 -5.05
N THR A 89 8.23 -7.87 -4.07
CA THR A 89 9.54 -7.88 -3.44
C THR A 89 10.49 -8.86 -4.12
N HIS A 90 9.98 -9.63 -5.09
CA HIS A 90 10.66 -10.83 -5.56
C HIS A 90 12.02 -10.55 -6.19
N LYS A 91 12.14 -9.43 -6.93
CA LYS A 91 13.36 -9.17 -7.69
C LYS A 91 14.41 -8.48 -6.81
N PHE A 92 14.15 -8.34 -5.50
CA PHE A 92 15.12 -7.75 -4.60
C PHE A 92 15.95 -8.83 -3.93
N ASN A 93 17.19 -8.45 -3.56
CA ASN A 93 18.08 -9.34 -2.83
C ASN A 93 17.70 -9.27 -1.34
N LYS A 94 17.90 -8.10 -0.73
CA LYS A 94 17.47 -7.85 0.63
C LYS A 94 16.41 -6.75 0.61
N PRO A 95 15.14 -7.05 0.28
CA PRO A 95 14.11 -6.01 0.21
C PRO A 95 13.85 -5.35 1.56
N CYS A 96 13.78 -4.02 1.54
CA CYS A 96 13.23 -3.24 2.62
C CYS A 96 11.79 -2.90 2.25
N ILE A 97 10.85 -3.22 3.15
CA ILE A 97 9.44 -3.23 2.82
C ILE A 97 8.70 -2.35 3.83
N MET A 98 7.90 -1.41 3.31
CA MET A 98 7.03 -0.64 4.18
C MET A 98 5.63 -0.59 3.56
N ASP A 99 4.62 -0.85 4.40
CA ASP A 99 3.22 -0.82 4.01
C ASP A 99 2.59 0.42 4.64
N VAL A 100 2.01 1.29 3.81
CA VAL A 100 1.41 2.53 4.27
C VAL A 100 -0.04 2.59 3.81
N LYS A 101 -0.97 2.59 4.77
CA LYS A 101 -2.39 2.74 4.50
C LYS A 101 -2.63 4.20 4.10
N ILE A 102 -3.37 4.40 3.01
CA ILE A 102 -3.57 5.73 2.46
C ILE A 102 -5.02 6.18 2.67
N GLY A 103 -5.19 7.46 3.02
CA GLY A 103 -6.51 8.08 3.03
C GLY A 103 -6.84 8.78 4.34
N GLN A 104 -7.91 9.58 4.33
CA GLN A 104 -8.38 10.26 5.52
C GLN A 104 -9.34 9.36 6.31
N LYS A 105 -9.99 8.43 5.60
CA LYS A 105 -10.97 7.53 6.19
C LYS A 105 -10.58 6.09 5.84
N SER A 106 -10.53 5.21 6.85
CA SER A 106 -10.31 3.79 6.64
C SER A 106 -11.62 3.00 6.78
N TYR A 107 -12.72 3.71 7.04
CA TYR A 107 -14.05 3.14 6.94
C TYR A 107 -14.62 3.52 5.58
N ASP A 108 -15.55 2.70 5.07
CA ASP A 108 -16.06 2.88 3.73
C ASP A 108 -17.45 3.51 3.80
N PRO A 109 -18.06 3.85 2.64
CA PRO A 109 -19.35 4.56 2.63
C PRO A 109 -20.54 3.80 3.23
N PHE A 110 -20.38 2.49 3.49
CA PHE A 110 -21.48 1.67 3.96
C PHE A 110 -21.22 1.17 5.38
N ALA A 111 -20.32 1.85 6.10
CA ALA A 111 -20.02 1.49 7.47
C ALA A 111 -21.12 2.00 8.40
N SER A 112 -21.40 1.23 9.46
CA SER A 112 -22.29 1.63 10.54
C SER A 112 -21.61 2.64 11.45
N SER A 113 -22.38 3.24 12.35
CA SER A 113 -21.83 4.17 13.34
C SER A 113 -20.73 3.49 14.15
N GLU A 114 -20.99 2.24 14.55
CA GLU A 114 -20.07 1.45 15.34
C GLU A 114 -18.80 1.19 14.54
N LYS A 115 -18.98 0.85 13.25
CA LYS A 115 -17.87 0.51 12.38
C LYS A 115 -16.99 1.73 12.14
N ILE A 116 -17.63 2.89 11.92
CA ILE A 116 -16.91 4.14 11.76
C ILE A 116 -16.06 4.37 13.02
N GLN A 117 -16.70 4.17 14.19
CA GLN A 117 -16.06 4.42 15.45
C GLN A 117 -14.93 3.41 15.68
N GLN A 118 -15.14 2.16 15.28
CA GLN A 118 -14.10 1.15 15.34
C GLN A 118 -12.89 1.60 14.51
N GLN A 119 -13.15 2.08 13.28
CA GLN A 119 -12.09 2.41 12.34
C GLN A 119 -11.34 3.65 12.80
N VAL A 120 -12.07 4.70 13.21
CA VAL A 120 -11.45 5.96 13.59
C VAL A 120 -10.64 5.75 14.87
N SER A 121 -11.12 4.88 15.78
CA SER A 121 -10.47 4.66 17.05
C SER A 121 -9.13 3.93 16.87
N LYS A 122 -9.06 3.07 15.85
CA LYS A 122 -7.83 2.36 15.49
C LYS A 122 -6.68 3.36 15.30
N TYR A 123 -6.98 4.50 14.69
CA TYR A 123 -6.00 5.56 14.51
C TYR A 123 -6.73 6.87 14.23
N PRO A 124 -7.06 7.68 15.27
CA PRO A 124 -7.87 8.89 15.10
C PRO A 124 -7.20 10.07 14.39
N LEU A 125 -5.92 9.90 14.03
CA LEU A 125 -5.16 10.92 13.34
C LEU A 125 -5.22 10.74 11.82
N MET A 126 -6.07 9.82 11.35
CA MET A 126 -6.11 9.43 9.95
C MET A 126 -6.56 10.63 9.10
N GLU A 127 -7.56 11.35 9.61
CA GLU A 127 -8.13 12.50 8.91
C GLU A 127 -7.06 13.58 8.77
N GLU A 128 -6.30 13.79 9.85
CA GLU A 128 -5.32 14.86 9.94
C GLU A 128 -4.13 14.57 9.03
N ILE A 129 -3.63 13.33 9.04
CA ILE A 129 -2.36 13.01 8.41
C ILE A 129 -2.57 12.45 7.01
N GLY A 130 -3.58 11.58 6.85
CA GLY A 130 -3.93 11.06 5.53
C GLY A 130 -3.19 9.78 5.18
N PHE A 131 -2.39 9.25 6.13
CA PHE A 131 -1.76 7.96 5.94
C PHE A 131 -1.37 7.37 7.29
N LEU A 132 -1.14 6.06 7.30
CA LEU A 132 -0.78 5.31 8.49
C LEU A 132 0.20 4.21 8.09
N VAL A 133 1.35 4.17 8.75
CA VAL A 133 2.32 3.10 8.52
C VAL A 133 1.79 1.84 9.21
N LEU A 134 1.51 0.81 8.41
CA LEU A 134 1.02 -0.47 8.91
C LEU A 134 2.19 -1.33 9.40
N GLY A 135 3.36 -1.17 8.78
CA GLY A 135 4.55 -1.88 9.22
C GLY A 135 5.75 -1.54 8.33
N MET A 136 6.95 -1.88 8.81
CA MET A 136 8.13 -1.85 7.96
C MET A 136 9.09 -2.95 8.38
N ARG A 137 9.85 -3.40 7.37
CA ARG A 137 10.93 -4.35 7.53
C ARG A 137 12.15 -3.75 6.86
N VAL A 138 13.20 -3.45 7.66
CA VAL A 138 14.35 -2.69 7.17
C VAL A 138 15.62 -3.52 7.38
N TYR A 139 16.32 -3.83 6.29
CA TYR A 139 17.58 -4.53 6.36
C TYR A 139 18.67 -3.56 6.79
N HIS A 140 19.44 -3.94 7.83
CA HIS A 140 20.59 -3.18 8.27
C HIS A 140 21.85 -3.95 7.86
N VAL A 141 22.73 -3.25 7.13
CA VAL A 141 23.90 -3.86 6.50
C VAL A 141 24.87 -4.31 7.59
N HIS A 142 25.13 -3.42 8.55
CA HIS A 142 26.23 -3.58 9.49
C HIS A 142 25.96 -4.68 10.51
N SER A 143 24.69 -5.08 10.65
CA SER A 143 24.32 -6.16 11.57
C SER A 143 23.83 -7.40 10.81
N ASP A 144 23.66 -7.29 9.49
CA ASP A 144 23.18 -8.39 8.66
C ASP A 144 21.87 -8.93 9.24
N SER A 145 20.90 -8.03 9.40
CA SER A 145 19.66 -8.36 10.08
C SER A 145 18.57 -7.36 9.70
N TYR A 146 17.34 -7.69 10.07
CA TYR A 146 16.17 -6.87 9.80
C TYR A 146 15.62 -6.29 11.10
N GLU A 147 15.24 -4.99 11.05
CA GLU A 147 14.37 -4.39 12.05
C GLU A 147 12.94 -4.43 11.51
N THR A 148 12.01 -5.01 12.27
CA THR A 148 10.61 -4.99 11.91
C THR A 148 9.84 -4.07 12.87
N GLU A 149 8.98 -3.23 12.30
CA GLU A 149 8.00 -2.47 13.07
C GLU A 149 6.61 -2.98 12.72
N ASN A 150 5.71 -2.97 13.71
CA ASN A 150 4.38 -3.54 13.56
C ASN A 150 3.34 -2.43 13.57
N GLN A 151 2.09 -2.80 13.64
CA GLN A 151 0.90 -1.96 13.62
C GLN A 151 1.04 -0.78 14.59
N HIS A 152 1.50 -1.16 15.77
CA HIS A 152 1.54 -0.25 16.91
C HIS A 152 2.57 0.86 16.69
N TYR A 153 3.58 0.62 15.84
CA TYR A 153 4.58 1.63 15.53
C TYR A 153 3.90 2.82 14.86
N GLY A 154 3.28 2.57 13.70
CA GLY A 154 2.66 3.63 12.93
C GLY A 154 1.50 4.29 13.67
N ARG A 155 0.75 3.52 14.45
CA ARG A 155 -0.40 4.02 15.19
C ARG A 155 0.05 4.90 16.35
N SER A 156 1.34 4.83 16.71
CA SER A 156 1.91 5.66 17.77
C SER A 156 2.33 7.03 17.24
N LEU A 157 2.45 7.17 15.91
CA LEU A 157 3.06 8.35 15.33
C LEU A 157 2.05 9.50 15.31
N THR A 158 2.55 10.66 15.72
CA THR A 158 1.77 11.90 15.76
C THR A 158 2.32 12.85 14.70
N LYS A 159 1.68 14.02 14.59
CA LYS A 159 2.14 15.06 13.68
C LYS A 159 3.59 15.39 14.00
N GLU A 160 3.93 15.37 15.30
CA GLU A 160 5.26 15.72 15.78
C GLU A 160 6.32 14.70 15.35
N THR A 161 5.92 13.43 15.17
CA THR A 161 6.88 12.35 15.02
C THR A 161 6.72 11.58 13.71
N ILE A 162 5.82 12.03 12.82
CA ILE A 162 5.55 11.26 11.61
C ILE A 162 6.76 11.30 10.68
N LYS A 163 7.43 12.45 10.56
CA LYS A 163 8.54 12.59 9.63
C LYS A 163 9.67 11.64 10.02
N ASP A 164 10.01 11.59 11.31
CA ASP A 164 11.04 10.70 11.79
C ASP A 164 10.57 9.25 11.73
N GLY A 165 9.27 9.05 11.94
CA GLY A 165 8.67 7.72 11.91
C GLY A 165 8.83 7.09 10.53
N VAL A 166 8.67 7.90 9.49
CA VAL A 166 8.81 7.45 8.12
C VAL A 166 10.29 7.31 7.76
N SER A 167 11.13 8.24 8.21
N SER A 167 11.11 8.29 8.17
CA SER A 167 12.55 8.23 7.84
CA SER A 167 12.55 8.27 7.93
C SER A 167 13.28 7.02 8.40
C SER A 167 13.15 6.92 8.29
N ARG A 168 12.69 6.34 9.39
CA ARG A 168 13.26 5.10 9.92
C ARG A 168 13.39 4.04 8.82
N PHE A 169 12.39 3.96 7.93
CA PHE A 169 12.35 2.99 6.85
C PHE A 169 13.59 3.08 5.96
N PHE A 170 14.15 4.29 5.83
CA PHE A 170 15.19 4.59 4.86
C PHE A 170 16.57 4.64 5.50
N HIS A 171 16.71 4.05 6.71
CA HIS A 171 17.98 4.04 7.43
C HIS A 171 18.56 2.63 7.41
N ASN A 172 19.76 2.49 6.84
CA ASN A 172 20.49 1.24 6.77
C ASN A 172 21.51 1.11 7.90
N GLY A 173 21.46 2.05 8.86
CA GLY A 173 22.37 2.06 9.99
C GLY A 173 23.75 2.61 9.63
N TYR A 174 23.81 3.47 8.60
CA TYR A 174 25.03 4.19 8.26
C TYR A 174 24.70 5.43 7.42
N CYS A 175 23.72 5.32 6.51
CA CYS A 175 23.26 6.48 5.76
C CYS A 175 21.72 6.49 5.69
N LEU A 176 21.19 7.70 5.45
CA LEU A 176 19.80 7.87 5.02
C LEU A 176 19.75 7.66 3.51
N ARG A 177 18.93 6.71 3.05
CA ARG A 177 18.86 6.34 1.65
C ARG A 177 18.01 7.36 0.90
N LYS A 178 18.58 8.54 0.64
CA LYS A 178 17.86 9.61 -0.01
C LYS A 178 17.53 9.24 -1.46
N ASP A 179 18.32 8.36 -2.07
CA ASP A 179 18.02 7.85 -3.40
C ASP A 179 16.65 7.18 -3.40
N ALA A 180 16.42 6.32 -2.39
CA ALA A 180 15.19 5.55 -2.30
C ALA A 180 14.03 6.49 -1.96
N VAL A 181 14.31 7.52 -1.14
CA VAL A 181 13.31 8.53 -0.78
C VAL A 181 12.88 9.28 -2.05
N ALA A 182 13.87 9.75 -2.83
CA ALA A 182 13.60 10.49 -4.05
C ALA A 182 12.84 9.61 -5.05
N ALA A 183 13.30 8.37 -5.24
CA ALA A 183 12.64 7.43 -6.13
C ALA A 183 11.19 7.18 -5.69
N SER A 184 10.95 7.13 -4.37
CA SER A 184 9.61 6.87 -3.84
C SER A 184 8.69 8.04 -4.18
N ILE A 185 9.20 9.27 -4.08
CA ILE A 185 8.40 10.45 -4.41
C ILE A 185 7.99 10.36 -5.88
N GLN A 186 8.94 10.01 -6.75
CA GLN A 186 8.75 10.01 -8.19
C GLN A 186 7.69 8.98 -8.60
N LYS A 187 7.73 7.80 -7.98
CA LYS A 187 6.75 6.76 -8.27
C LYS A 187 5.38 7.09 -7.67
N ILE A 188 5.36 7.63 -6.44
CA ILE A 188 4.10 8.06 -5.83
C ILE A 188 3.44 9.13 -6.71
N GLU A 189 4.26 10.01 -7.29
CA GLU A 189 3.76 11.10 -8.13
C GLU A 189 2.97 10.56 -9.32
N LYS A 190 3.40 9.42 -9.89
CA LYS A 190 2.71 8.84 -11.04
C LYS A 190 1.37 8.26 -10.61
N ILE A 191 1.32 7.69 -9.40
CA ILE A 191 0.08 7.15 -8.84
C ILE A 191 -0.89 8.30 -8.55
N LEU A 192 -0.36 9.40 -8.01
CA LEU A 192 -1.12 10.61 -7.76
C LEU A 192 -1.72 11.12 -9.07
N GLN A 193 -0.92 11.09 -10.14
CA GLN A 193 -1.38 11.55 -11.46
C GLN A 193 -2.55 10.68 -11.91
N TRP A 194 -2.47 9.37 -11.66
CA TRP A 194 -3.55 8.46 -11.99
C TRP A 194 -4.84 8.88 -11.27
N PHE A 195 -4.75 9.13 -9.98
CA PHE A 195 -5.90 9.50 -9.15
C PHE A 195 -6.49 10.84 -9.54
N GLU A 196 -5.63 11.74 -10.02
CA GLU A 196 -6.08 13.05 -10.47
C GLU A 196 -6.73 12.99 -11.84
N ASN A 197 -6.78 11.83 -12.44
CA ASN A 197 -7.32 11.67 -13.78
C ASN A 197 -8.39 10.58 -13.82
N GLN A 198 -8.99 10.28 -12.66
CA GLN A 198 -10.08 9.30 -12.59
C GLN A 198 -11.07 9.74 -11.52
N LYS A 199 -12.38 9.56 -11.80
CA LYS A 199 -13.44 9.84 -10.86
C LYS A 199 -14.45 8.68 -10.83
N GLN A 200 -13.95 7.44 -10.80
CA GLN A 200 -14.83 6.29 -10.91
C GLN A 200 -14.57 5.28 -9.80
N LEU A 201 -13.48 5.44 -9.04
CA LEU A 201 -13.16 4.54 -7.94
C LEU A 201 -12.71 5.35 -6.73
N ASN A 202 -13.22 4.98 -5.55
CA ASN A 202 -12.74 5.54 -4.30
C ASN A 202 -12.22 4.39 -3.44
N PHE A 203 -11.06 4.59 -2.83
CA PHE A 203 -10.27 3.55 -2.18
C PHE A 203 -10.13 3.83 -0.69
N TYR A 204 -10.69 2.93 0.14
CA TYR A 204 -10.62 3.06 1.58
C TYR A 204 -9.85 1.88 2.14
N ALA A 205 -9.04 2.16 3.18
CA ALA A 205 -8.23 1.16 3.87
C ALA A 205 -7.31 0.41 2.89
N SER A 206 -6.92 1.05 1.79
N SER A 206 -6.89 1.09 1.83
CA SER A 206 -5.94 0.47 0.88
CA SER A 206 -5.96 0.57 0.85
C SER A 206 -4.56 1.06 1.18
C SER A 206 -4.56 1.08 1.17
N SER A 207 -3.54 0.37 0.67
CA SER A 207 -2.16 0.63 1.03
C SER A 207 -1.25 0.88 -0.18
N LEU A 208 -0.11 1.51 0.11
CA LEU A 208 1.05 1.50 -0.77
C LEU A 208 2.12 0.59 -0.15
N LEU A 209 2.63 -0.32 -0.97
CA LEU A 209 3.77 -1.15 -0.59
C LEU A 209 5.01 -0.52 -1.21
N PHE A 210 5.91 -0.04 -0.34
CA PHE A 210 7.21 0.47 -0.73
C PHE A 210 8.24 -0.63 -0.59
N VAL A 211 9.09 -0.78 -1.62
CA VAL A 211 10.19 -1.72 -1.54
C VAL A 211 11.42 -1.02 -2.12
N TYR A 212 12.56 -1.19 -1.44
CA TYR A 212 13.85 -0.79 -1.99
C TYR A 212 14.89 -1.85 -1.63
N GLU A 213 16.04 -1.77 -2.30
CA GLU A 213 17.13 -2.73 -2.15
C GLU A 213 17.99 -2.35 -0.95
N GLY A 214 18.06 -3.26 0.04
CA GLY A 214 18.81 -3.03 1.26
C GLY A 214 20.24 -3.55 1.21
N SER A 215 20.56 -4.46 0.28
CA SER A 215 21.86 -5.12 0.26
C SER A 215 22.98 -4.10 -0.02
N GLY A 221 20.86 1.86 -5.87
CA GLY A 221 20.60 3.28 -6.19
C GLY A 221 19.34 3.45 -7.03
N GLY A 222 18.31 4.10 -6.46
CA GLY A 222 17.06 4.34 -7.16
C GLY A 222 16.23 3.10 -7.51
N GLU A 223 16.64 1.90 -7.09
CA GLU A 223 15.93 0.63 -7.36
C GLU A 223 14.77 0.50 -6.34
N VAL A 224 13.55 0.77 -6.78
CA VAL A 224 12.43 0.98 -5.87
C VAL A 224 11.14 0.49 -6.50
N GLU A 225 10.24 -0.05 -5.65
CA GLU A 225 8.88 -0.37 -6.05
C GLU A 225 7.93 0.39 -5.14
N VAL A 226 6.90 0.91 -5.75
CA VAL A 226 5.80 1.51 -4.98
C VAL A 226 4.54 1.01 -5.66
N ARG A 227 3.82 0.14 -4.96
CA ARG A 227 2.63 -0.43 -5.53
C ARG A 227 1.36 -0.36 -4.62
N MET A 228 0.25 -0.15 -5.27
CA MET A 228 -1.04 -0.16 -4.55
C MET A 228 -1.49 -1.60 -4.26
N ILE A 229 -1.91 -1.82 -3.03
CA ILE A 229 -2.41 -3.13 -2.59
C ILE A 229 -3.62 -2.96 -1.67
N ASP A 230 -4.34 -4.08 -1.48
CA ASP A 230 -5.35 -4.26 -0.45
C ASP A 230 -6.63 -3.52 -0.81
N PHE A 231 -7.54 -4.23 -1.51
CA PHE A 231 -8.66 -3.59 -2.20
C PHE A 231 -10.01 -4.14 -1.73
N ALA A 232 -10.13 -4.45 -0.43
CA ALA A 232 -11.36 -4.95 0.15
C ALA A 232 -12.39 -3.83 0.32
N HIS A 233 -11.97 -2.55 0.20
CA HIS A 233 -12.89 -1.44 0.36
C HIS A 233 -12.71 -0.41 -0.77
N VAL A 234 -12.76 -0.87 -2.02
CA VAL A 234 -12.76 0.01 -3.17
C VAL A 234 -14.18 0.07 -3.73
N PHE A 235 -14.71 1.29 -3.90
CA PHE A 235 -16.10 1.43 -4.28
C PHE A 235 -16.21 2.28 -5.55
N PRO A 236 -17.27 2.10 -6.37
CA PRO A 236 -17.55 3.01 -7.47
C PRO A 236 -17.83 4.42 -6.92
N SER A 237 -17.52 5.44 -7.71
CA SER A 237 -17.63 6.83 -7.28
C SER A 237 -17.95 7.73 -8.47
N ASN A 238 -18.32 8.98 -8.17
CA ASN A 238 -18.54 10.02 -9.15
C ASN A 238 -17.56 11.18 -8.94
N THR A 239 -16.71 11.07 -7.91
CA THR A 239 -15.89 12.18 -7.47
C THR A 239 -14.43 11.74 -7.40
N ILE A 240 -13.55 12.75 -7.37
CA ILE A 240 -12.15 12.59 -7.02
C ILE A 240 -12.07 11.89 -5.67
N ASP A 241 -11.14 10.94 -5.53
CA ASP A 241 -10.85 10.35 -4.24
C ASP A 241 -9.99 11.34 -3.45
N GLU A 242 -10.64 12.35 -2.85
CA GLU A 242 -9.94 13.49 -2.28
C GLU A 242 -9.11 13.06 -1.08
N GLY A 243 -9.60 12.05 -0.35
CA GLY A 243 -8.94 11.57 0.85
C GLY A 243 -7.64 10.85 0.52
N TYR A 244 -7.64 10.11 -0.59
CA TYR A 244 -6.47 9.38 -1.03
C TYR A 244 -5.45 10.39 -1.53
N VAL A 245 -5.91 11.33 -2.37
CA VAL A 245 -5.06 12.39 -2.91
C VAL A 245 -4.37 13.13 -1.76
N TYR A 246 -5.13 13.54 -0.75
CA TYR A 246 -4.61 14.28 0.39
C TYR A 246 -3.47 13.50 1.05
N GLY A 247 -3.67 12.18 1.17
CA GLY A 247 -2.70 11.30 1.78
C GLY A 247 -1.43 11.17 0.95
N LEU A 248 -1.58 11.01 -0.37
CA LEU A 248 -0.45 10.92 -1.27
C LEU A 248 0.35 12.23 -1.19
N LYS A 249 -0.35 13.37 -1.27
CA LYS A 249 0.29 14.68 -1.24
C LYS A 249 1.05 14.87 0.06
N HIS A 250 0.42 14.53 1.19
CA HIS A 250 1.05 14.71 2.48
C HIS A 250 2.25 13.77 2.62
N LEU A 251 2.10 12.52 2.14
CA LEU A 251 3.18 11.55 2.21
C LEU A 251 4.37 12.02 1.36
N ILE A 252 4.10 12.57 0.18
CA ILE A 252 5.13 13.15 -0.68
C ILE A 252 5.84 14.27 0.07
N SER A 253 5.05 15.14 0.73
CA SER A 253 5.58 16.31 1.42
C SER A 253 6.51 15.90 2.56
N VAL A 254 6.13 14.84 3.28
CA VAL A 254 6.96 14.28 4.32
C VAL A 254 8.25 13.76 3.70
N LEU A 255 8.13 12.97 2.62
CA LEU A 255 9.30 12.40 1.96
C LEU A 255 10.20 13.52 1.44
N ARG A 256 9.59 14.57 0.89
CA ARG A 256 10.34 15.70 0.37
C ARG A 256 11.14 16.35 1.50
N SER A 257 10.51 16.52 2.68
CA SER A 257 11.21 17.16 3.79
C SER A 257 12.38 16.28 4.26
N ILE A 258 12.24 14.95 4.16
CA ILE A 258 13.31 14.03 4.57
C ILE A 258 14.55 14.20 3.69
N LEU A 259 14.36 14.60 2.43
CA LEU A 259 15.46 14.83 1.52
C LEU A 259 16.35 16.00 1.98
N ASP A 260 15.91 16.75 2.98
CA ASP A 260 16.69 17.86 3.52
C ASP A 260 17.40 17.47 4.82
N ASN A 261 17.30 16.20 5.24
CA ASN A 261 17.90 15.76 6.50
C ASN A 261 19.42 15.91 6.41
CAZ YJH B . 2.64 -6.33 8.23
CBA YJH B . 2.13 -4.90 8.20
CBB YJH B . 0.96 -5.37 7.39
CAY YJH B . 1.70 -6.69 7.09
NAB YJH B . 2.38 -6.91 5.78
CAW YJH B . 3.08 -8.18 5.95
CAX YJH B . 3.56 -8.64 4.58
CAV YJH B . 3.39 -5.91 5.32
CAU YJH B . 3.83 -6.22 3.92
CAT YJH B . 4.53 -7.61 3.95
CAP YJH B . 4.89 -8.15 2.69
CAO YJH B . 4.12 -7.98 1.52
CAQ YJH B . 6.07 -8.92 2.63
CAR YJH B . 6.48 -9.49 1.43
CAS YJH B . 5.72 -9.29 0.28
CAN YJH B . 4.53 -8.54 0.30
CAL YJH B . 3.88 -8.41 -0.88
CAK YJH B . 2.55 -8.23 -1.19
CAJ YJH B . 1.39 -8.08 -0.49
OBD YJH B . 4.58 -8.53 -2.02
NAA YJH B . 3.73 -8.40 -3.04
CAM YJH B . 2.49 -8.23 -2.54
CAG YJH B . 1.34 -8.04 -3.20
CAH YJH B . 0.15 -7.89 -2.51
CAI YJH B . 0.16 -7.90 -1.13
CBC YJH B . -1.01 -7.71 -0.45
NAF YJH B . -1.12 -7.57 0.87
NAE YJH B . -2.40 -7.36 1.16
NAD YJH B . -3.09 -7.33 0.01
NAC YJH B . -2.23 -7.55 -0.98
#